data_5U7P
#
_entry.id   5U7P
#
_cell.length_a   53.996
_cell.length_b   53.592
_cell.length_c   72.835
_cell.angle_alpha   90.00
_cell.angle_beta   94.95
_cell.angle_gamma   90.00
#
_symmetry.space_group_name_H-M   'P 1 21 1'
#
loop_
_entity.id
_entity.type
_entity.pdbx_description
1 polymer Apyrase
2 non-polymer 'PHOSPHATE ION'
3 water water
#
_entity_poly.entity_id   1
_entity_poly.type   'polypeptide(L)'
_entity_poly.pdbx_seq_one_letter_code
;MGTITSYAVVFDAGSTGSRVHVYHFDQNLDLLHIGKDVEFYNKIQPGLSAYADNPEQAAKSLIPLLEQAENVVPEDFHSK
TPIRLGATAGLRLLDGDASERILQAVRDMLNNKSTFNVQPDAVSIIDGTQEGSYLWVTINYVLGNLGKRFTNTVGVIDLG
GGSVQMAYAVSKKTARNAPKVTDGEDPYIKKIVLKGKPYDLYVHSYLHFGREASRAEILKVTHGSASPCILAGFDGIYTY
SGEEFKASAPTSGANFDKCKKIIQKALKLDYPCPYQNCTFGGIWNGGGGSGQKKLFAASSFFYLPQDVGMVDPNKSNLKL
RPVDLENKAKIVCTLNVEDVKSAYPLLEKFNIVPYACMDLIYQYELLVDGFGLDPLQEITAGEKIEYQEALVDAAWALGN
AVEAVLLLPKFERLMYFVVEHHHHHH
;
_entity_poly.pdbx_strand_id   A
#
loop_
_chem_comp.id
_chem_comp.type
_chem_comp.name
_chem_comp.formula
PO4 non-polymer 'PHOSPHATE ION' 'O4 P -3'
#
# COMPACT_ATOMS: atom_id res chain seq x y z
N ILE A 4 -15.33 -3.21 -29.06
CA ILE A 4 -16.03 -4.09 -28.09
C ILE A 4 -15.10 -4.21 -26.80
N THR A 5 -13.78 -4.26 -26.94
CA THR A 5 -12.88 -4.48 -25.77
C THR A 5 -11.91 -3.30 -25.64
N SER A 6 -11.15 -3.21 -24.54
CA SER A 6 -10.10 -2.21 -24.45
C SER A 6 -8.90 -2.79 -23.69
N TYR A 7 -7.77 -2.30 -24.06
CA TYR A 7 -6.52 -2.55 -23.34
C TYR A 7 -6.18 -1.30 -22.52
N ALA A 8 -5.27 -1.46 -21.57
CA ALA A 8 -4.72 -0.36 -20.82
C ALA A 8 -3.37 -0.83 -20.33
N VAL A 9 -2.40 0.09 -20.38
CA VAL A 9 -1.02 -0.17 -19.94
C VAL A 9 -0.69 0.72 -18.75
N VAL A 10 -0.19 0.13 -17.66
CA VAL A 10 0.11 0.88 -16.50
C VAL A 10 1.50 0.49 -16.10
N PHE A 11 2.41 1.48 -16.02
CA PHE A 11 3.72 1.26 -15.40
C PHE A 11 3.74 1.65 -13.95
N ASP A 12 4.42 0.86 -13.11
CA ASP A 12 4.67 1.15 -11.74
C ASP A 12 6.17 1.29 -11.59
N ALA A 13 6.61 2.49 -11.31
CA ALA A 13 8.02 2.79 -11.23
C ALA A 13 8.37 2.84 -9.73
N GLY A 14 8.87 1.72 -9.22
CA GLY A 14 9.25 1.61 -7.79
C GLY A 14 10.68 1.95 -7.51
N SER A 15 11.08 1.76 -6.26
CA SER A 15 12.37 2.31 -5.81
C SER A 15 13.49 1.46 -6.28
N THR A 16 13.23 0.19 -6.45
CA THR A 16 14.22 -0.76 -6.90
C THR A 16 14.02 -1.27 -8.32
N GLY A 17 12.82 -1.10 -8.87
CA GLY A 17 12.57 -1.62 -10.19
C GLY A 17 11.38 -0.93 -10.85
N SER A 18 11.26 -1.18 -12.14
CA SER A 18 10.03 -0.74 -12.85
C SER A 18 9.21 -1.92 -13.39
N ARG A 19 7.89 -1.84 -13.27
CA ARG A 19 7.03 -2.90 -13.71
C ARG A 19 6.00 -2.38 -14.75
N VAL A 20 5.59 -3.26 -15.67
CA VAL A 20 4.49 -2.94 -16.66
C VAL A 20 3.41 -3.95 -16.45
N HIS A 21 2.18 -3.48 -16.53
CA HIS A 21 0.98 -4.25 -16.41
C HIS A 21 0.18 -3.88 -17.68
N VAL A 22 -0.24 -4.91 -18.42
CA VAL A 22 -1.18 -4.74 -19.53
C VAL A 22 -2.40 -5.52 -19.24
N TYR A 23 -3.54 -4.86 -19.36
CA TYR A 23 -4.78 -5.43 -19.08
C TYR A 23 -5.63 -5.34 -20.39
N HIS A 24 -6.54 -6.31 -20.52
CA HIS A 24 -7.57 -6.41 -21.56
C HIS A 24 -8.92 -6.62 -20.89
N PHE A 25 -9.76 -5.60 -21.06
CA PHE A 25 -11.10 -5.59 -20.51
C PHE A 25 -12.10 -5.91 -21.61
N ASP A 26 -12.99 -6.83 -21.34
CA ASP A 26 -14.10 -7.03 -22.27
C ASP A 26 -15.18 -5.94 -22.12
N GLN A 27 -16.19 -6.04 -23.00
CA GLN A 27 -17.31 -5.10 -22.98
C GLN A 27 -18.07 -4.97 -21.64
N ASN A 28 -18.01 -5.98 -20.77
CA ASN A 28 -18.62 -5.86 -19.43
C ASN A 28 -17.60 -5.40 -18.36
N LEU A 29 -16.43 -4.96 -18.81
CA LEU A 29 -15.30 -4.61 -17.92
C LEU A 29 -14.79 -5.76 -17.08
N ASP A 30 -14.88 -6.96 -17.60
CA ASP A 30 -14.25 -8.09 -16.96
C ASP A 30 -12.94 -8.28 -17.66
N LEU A 31 -11.92 -8.66 -16.94
CA LEU A 31 -10.64 -8.94 -17.53
C LEU A 31 -10.69 -10.21 -18.37
N LEU A 32 -10.03 -10.11 -19.53
CA LEU A 32 -9.79 -11.22 -20.43
C LEU A 32 -8.40 -11.68 -20.15
N HIS A 33 -8.16 -12.96 -20.24
CA HIS A 33 -6.80 -13.48 -20.02
C HIS A 33 -5.84 -13.08 -21.15
N ILE A 34 -4.61 -12.82 -20.78
CA ILE A 34 -3.54 -12.65 -21.76
C ILE A 34 -2.57 -13.75 -21.42
N GLY A 35 -2.41 -14.67 -22.38
CA GLY A 35 -1.79 -16.00 -22.17
C GLY A 35 -2.48 -16.67 -21.01
N LYS A 36 -1.71 -17.07 -20.02
CA LYS A 36 -2.29 -17.82 -19.00
C LYS A 36 -2.60 -16.98 -17.81
N ASP A 37 -2.38 -15.66 -17.84
CA ASP A 37 -2.64 -14.79 -16.71
C ASP A 37 -3.77 -13.81 -17.08
N VAL A 38 -4.23 -13.05 -16.07
CA VAL A 38 -5.22 -11.97 -16.28
C VAL A 38 -4.66 -10.62 -16.62
N GLU A 39 -3.36 -10.59 -16.93
CA GLU A 39 -2.62 -9.43 -17.35
C GLU A 39 -1.27 -9.90 -17.92
N PHE A 40 -0.61 -9.07 -18.69
CA PHE A 40 0.81 -9.25 -18.98
C PHE A 40 1.58 -8.44 -17.96
N TYR A 41 2.62 -9.04 -17.38
CA TYR A 41 3.39 -8.40 -16.38
C TYR A 41 4.86 -8.69 -16.63
N ASN A 42 5.69 -7.68 -16.49
CA ASN A 42 7.10 -7.91 -16.52
C ASN A 42 7.76 -6.79 -15.74
N LYS A 43 8.98 -7.03 -15.25
CA LYS A 43 9.76 -6.10 -14.41
C LYS A 43 11.15 -5.92 -14.94
N ILE A 44 11.71 -4.73 -14.74
CA ILE A 44 13.11 -4.45 -15.04
C ILE A 44 13.72 -3.83 -13.74
N GLN A 45 15.03 -3.84 -13.70
CA GLN A 45 15.79 -3.32 -12.54
C GLN A 45 17.06 -2.67 -13.13
N PRO A 46 17.50 -1.56 -12.54
CA PRO A 46 17.00 -0.94 -11.40
C PRO A 46 15.89 0.04 -11.80
N GLY A 47 15.39 0.73 -10.79
CA GLY A 47 14.40 1.79 -10.92
C GLY A 47 14.85 3.14 -11.38
N LEU A 48 13.86 4.00 -11.61
CA LEU A 48 14.15 5.31 -12.20
C LEU A 48 15.19 6.09 -11.36
N SER A 49 15.14 5.93 -10.05
CA SER A 49 16.02 6.64 -9.16
C SER A 49 17.51 6.25 -9.24
N ALA A 50 17.83 5.04 -9.69
CA ALA A 50 19.22 4.72 -10.05
C ALA A 50 19.76 5.63 -11.15
N TYR A 51 18.87 6.34 -11.83
CA TYR A 51 19.27 7.20 -12.91
C TYR A 51 18.94 8.68 -12.63
N ALA A 52 18.90 9.06 -11.36
CA ALA A 52 18.64 10.46 -10.92
C ALA A 52 19.50 11.52 -11.63
N ASP A 53 20.77 11.19 -11.89
CA ASP A 53 21.70 12.11 -12.55
C ASP A 53 21.55 12.15 -14.07
N ASN A 54 20.74 11.25 -14.64
CA ASN A 54 20.62 11.17 -16.09
C ASN A 54 19.18 10.82 -16.45
N PRO A 55 18.30 11.82 -16.46
CA PRO A 55 16.88 11.64 -16.70
C PRO A 55 16.61 10.87 -17.96
N GLU A 56 17.30 11.21 -19.05
CA GLU A 56 17.05 10.62 -20.33
C GLU A 56 17.28 9.12 -20.24
N GLN A 57 18.22 8.69 -19.42
CA GLN A 57 18.49 7.24 -19.25
C GLN A 57 17.44 6.60 -18.37
N ALA A 58 16.96 7.32 -17.36
CA ALA A 58 15.84 6.74 -16.59
C ALA A 58 14.67 6.38 -17.54
N ALA A 59 14.37 7.25 -18.48
CA ALA A 59 13.32 6.92 -19.42
C ALA A 59 13.70 5.78 -20.33
N LYS A 60 14.95 5.78 -20.79
CA LYS A 60 15.43 4.70 -21.62
C LYS A 60 15.31 3.33 -20.93
N SER A 61 15.48 3.27 -19.61
CA SER A 61 15.33 2.03 -18.86
C SER A 61 14.02 1.30 -19.17
N LEU A 62 12.99 2.02 -19.63
CA LEU A 62 11.64 1.50 -19.63
C LEU A 62 11.32 0.94 -20.98
N ILE A 63 12.16 1.29 -21.95
CA ILE A 63 11.87 0.99 -23.33
C ILE A 63 11.67 -0.51 -23.58
N PRO A 64 12.51 -1.37 -23.01
CA PRO A 64 12.17 -2.78 -23.25
C PRO A 64 10.79 -3.23 -22.77
N LEU A 65 10.32 -2.72 -21.63
CA LEU A 65 8.99 -2.98 -21.12
C LEU A 65 7.93 -2.38 -22.05
N LEU A 66 8.21 -1.18 -22.47
CA LEU A 66 7.29 -0.58 -23.44
C LEU A 66 7.12 -1.39 -24.70
N GLU A 67 8.24 -1.85 -25.25
CA GLU A 67 8.16 -2.62 -26.49
C GLU A 67 7.41 -3.92 -26.31
N GLN A 68 7.56 -4.59 -25.17
CA GLN A 68 6.71 -5.70 -24.89
C GLN A 68 5.26 -5.39 -24.82
N ALA A 69 4.90 -4.31 -24.16
CA ALA A 69 3.49 -3.98 -24.08
C ALA A 69 2.96 -3.60 -25.50
N GLU A 70 3.78 -2.97 -26.34
CA GLU A 70 3.39 -2.70 -27.74
C GLU A 70 3.11 -3.99 -28.53
N ASN A 71 3.82 -5.07 -28.22
CA ASN A 71 3.63 -6.35 -28.88
C ASN A 71 2.44 -7.05 -28.40
N VAL A 72 2.14 -6.92 -27.11
CA VAL A 72 0.97 -7.47 -26.51
C VAL A 72 -0.34 -6.85 -26.99
N VAL A 73 -0.35 -5.54 -27.12
CA VAL A 73 -1.57 -4.92 -27.58
C VAL A 73 -1.60 -4.97 -29.12
N PRO A 74 -2.63 -5.59 -29.71
CA PRO A 74 -2.65 -5.70 -31.17
C PRO A 74 -2.67 -4.30 -31.76
N GLU A 75 -1.91 -4.08 -32.83
CA GLU A 75 -1.69 -2.76 -33.39
C GLU A 75 -2.96 -1.95 -33.67
N ASP A 76 -4.07 -2.59 -34.03
CA ASP A 76 -5.32 -1.82 -34.30
C ASP A 76 -5.87 -1.16 -33.03
N PHE A 77 -5.47 -1.63 -31.84
CA PHE A 77 -5.97 -1.00 -30.61
C PHE A 77 -5.03 0.03 -30.00
N HIS A 78 -3.85 0.25 -30.55
CA HIS A 78 -2.88 1.09 -29.92
C HIS A 78 -3.34 2.53 -29.68
N SER A 79 -3.92 3.17 -30.71
CA SER A 79 -4.26 4.58 -30.60
C SER A 79 -5.26 4.93 -29.52
N LYS A 80 -6.18 4.00 -29.23
CA LYS A 80 -7.18 4.18 -28.21
C LYS A 80 -6.83 3.51 -26.87
N THR A 81 -5.65 2.92 -26.79
CA THR A 81 -5.22 2.35 -25.49
C THR A 81 -4.51 3.36 -24.58
N PRO A 82 -5.05 3.64 -23.37
CA PRO A 82 -4.37 4.57 -22.48
C PRO A 82 -3.13 3.93 -21.89
N ILE A 83 -2.04 4.69 -21.90
CA ILE A 83 -0.79 4.33 -21.18
C ILE A 83 -0.57 5.31 -20.03
N ARG A 84 -0.12 4.79 -18.89
CA ARG A 84 0.03 5.57 -17.69
C ARG A 84 1.25 5.02 -16.92
N LEU A 85 1.93 5.93 -16.26
CA LEU A 85 2.99 5.57 -15.24
C LEU A 85 2.74 6.33 -13.98
N GLY A 86 2.88 5.58 -12.89
CA GLY A 86 2.77 6.09 -11.53
C GLY A 86 4.07 5.72 -10.85
N ALA A 87 4.77 6.73 -10.34
CA ALA A 87 5.94 6.51 -9.55
C ALA A 87 5.63 6.59 -8.08
N THR A 88 6.57 6.01 -7.36
CA THR A 88 6.50 5.73 -5.95
C THR A 88 6.81 6.91 -4.98
N ALA A 89 6.74 6.53 -3.71
CA ALA A 89 7.14 7.33 -2.54
C ALA A 89 8.44 8.05 -2.75
N GLY A 90 9.49 7.23 -2.77
CA GLY A 90 10.87 7.68 -2.75
C GLY A 90 11.30 8.62 -3.86
N LEU A 91 10.70 8.52 -5.05
CA LEU A 91 11.17 9.38 -6.11
C LEU A 91 11.25 10.81 -5.62
N ARG A 92 10.25 11.26 -4.86
CA ARG A 92 10.30 12.56 -4.17
C ARG A 92 11.62 12.74 -3.38
N LEU A 93 12.01 11.71 -2.64
CA LEU A 93 13.25 11.71 -1.84
C LEU A 93 14.54 11.97 -2.65
N LEU A 94 14.42 12.32 -3.93
CA LEU A 94 15.57 12.69 -4.75
C LEU A 94 15.85 14.18 -4.63
N ASP A 95 17.14 14.55 -4.74
CA ASP A 95 17.60 15.96 -4.72
C ASP A 95 16.93 16.86 -5.74
N GLY A 96 17.07 18.17 -5.51
CA GLY A 96 16.57 19.17 -6.42
C GLY A 96 15.28 18.72 -7.06
N ASP A 97 15.16 18.98 -8.35
CA ASP A 97 13.99 18.54 -9.12
C ASP A 97 14.44 17.41 -10.07
N ALA A 98 15.31 16.55 -9.55
CA ALA A 98 15.63 15.28 -10.19
C ALA A 98 14.33 14.53 -10.54
N SER A 99 13.42 14.44 -9.56
CA SER A 99 12.18 13.69 -9.76
C SER A 99 11.32 14.29 -10.89
N GLU A 100 11.05 15.59 -10.90
CA GLU A 100 10.29 16.17 -12.05
C GLU A 100 10.95 16.07 -13.42
N ARG A 101 12.28 16.12 -13.45
CA ARG A 101 13.03 15.89 -14.68
C ARG A 101 12.86 14.44 -15.18
N ILE A 102 12.82 13.48 -14.26
CA ILE A 102 12.66 12.10 -14.65
C ILE A 102 11.24 11.88 -15.19
N LEU A 103 10.24 12.32 -14.45
CA LEU A 103 8.86 12.24 -14.97
C LEU A 103 8.69 12.86 -16.31
N GLN A 104 9.34 14.00 -16.56
CA GLN A 104 9.18 14.61 -17.88
C GLN A 104 9.90 13.86 -18.97
N ALA A 105 11.01 13.25 -18.66
CA ALA A 105 11.76 12.48 -19.66
C ALA A 105 10.91 11.24 -20.04
N VAL A 106 10.21 10.69 -19.08
CA VAL A 106 9.28 9.60 -19.33
C VAL A 106 8.13 10.03 -20.24
N ARG A 107 7.50 11.17 -19.99
CA ARG A 107 6.42 11.68 -20.89
C ARG A 107 6.95 11.81 -22.32
N ASP A 108 8.13 12.40 -22.44
CA ASP A 108 8.78 12.59 -23.77
C ASP A 108 9.02 11.30 -24.48
N MET A 109 9.60 10.36 -23.76
CA MET A 109 9.82 9.03 -24.30
C MET A 109 8.51 8.34 -24.70
N LEU A 110 7.47 8.44 -23.89
CA LEU A 110 6.21 7.81 -24.29
C LEU A 110 5.59 8.45 -25.54
N ASN A 111 5.69 9.76 -25.63
CA ASN A 111 5.14 10.48 -26.75
C ASN A 111 6.03 10.22 -27.97
N ASN A 112 7.33 10.00 -27.79
CA ASN A 112 8.23 9.84 -28.95
C ASN A 112 8.34 8.43 -29.48
N LYS A 113 8.22 7.46 -28.59
CA LYS A 113 8.42 6.05 -28.87
C LYS A 113 7.20 5.17 -28.79
N SER A 114 6.11 5.62 -28.18
N SER A 114 6.10 5.63 -28.23
CA SER A 114 4.89 4.80 -28.10
CA SER A 114 4.91 4.78 -28.14
C SER A 114 3.89 5.24 -29.15
C SER A 114 3.89 5.24 -29.15
N THR A 115 3.06 4.28 -29.54
CA THR A 115 1.96 4.50 -30.42
C THR A 115 0.66 4.66 -29.54
N PHE A 116 0.79 4.45 -28.24
CA PHE A 116 -0.37 4.46 -27.36
C PHE A 116 -0.92 5.89 -27.06
N ASN A 117 -2.13 5.96 -26.48
CA ASN A 117 -2.77 7.25 -26.17
C ASN A 117 -2.27 7.82 -24.89
N VAL A 118 -1.39 8.82 -24.99
CA VAL A 118 -0.80 9.50 -23.84
C VAL A 118 -1.67 10.72 -23.46
N GLN A 119 -2.33 10.66 -22.31
CA GLN A 119 -3.15 11.81 -21.82
C GLN A 119 -2.25 12.82 -21.02
N PRO A 120 -2.70 14.09 -20.86
CA PRO A 120 -1.90 15.04 -20.11
C PRO A 120 -1.53 14.56 -18.68
N ASP A 121 -2.40 13.76 -18.03
CA ASP A 121 -2.16 13.27 -16.64
C ASP A 121 -1.59 11.86 -16.59
N ALA A 122 -1.03 11.42 -17.68
CA ALA A 122 -0.52 10.03 -17.82
C ALA A 122 0.64 9.71 -16.86
N VAL A 123 1.54 10.65 -16.58
CA VAL A 123 2.74 10.31 -15.81
C VAL A 123 2.77 11.15 -14.51
N SER A 124 2.83 10.51 -13.34
CA SER A 124 2.73 11.26 -12.11
C SER A 124 3.27 10.43 -10.96
N ILE A 125 3.41 11.09 -9.84
CA ILE A 125 3.72 10.45 -8.57
C ILE A 125 2.37 10.13 -7.91
N ILE A 126 2.22 8.91 -7.46
CA ILE A 126 1.00 8.47 -6.80
C ILE A 126 1.11 8.77 -5.28
N ASP A 127 0.69 9.95 -4.80
CA ASP A 127 0.80 10.25 -3.34
C ASP A 127 -0.02 9.25 -2.48
N GLY A 128 0.02 9.44 -1.17
CA GLY A 128 -0.62 8.55 -0.25
C GLY A 128 -2.10 8.38 -0.47
N THR A 129 -2.88 9.46 -0.51
CA THR A 129 -4.32 9.23 -0.56
C THR A 129 -4.71 8.69 -1.91
N GLN A 130 -4.04 9.10 -2.98
CA GLN A 130 -4.24 8.52 -4.33
C GLN A 130 -4.02 7.02 -4.41
N GLU A 131 -2.93 6.56 -3.81
CA GLU A 131 -2.69 5.16 -3.65
C GLU A 131 -3.78 4.40 -2.91
N GLY A 132 -4.30 4.99 -1.83
CA GLY A 132 -5.29 4.32 -1.02
C GLY A 132 -6.56 4.28 -1.86
N SER A 133 -6.84 5.37 -2.59
CA SER A 133 -8.06 5.37 -3.45
C SER A 133 -7.99 4.33 -4.56
N TYR A 134 -6.83 4.24 -5.23
CA TYR A 134 -6.65 3.24 -6.25
C TYR A 134 -6.73 1.84 -5.73
N LEU A 135 -6.12 1.57 -4.58
CA LEU A 135 -6.25 0.23 -4.02
C LEU A 135 -7.69 -0.09 -3.71
N TRP A 136 -8.48 0.91 -3.24
CA TRP A 136 -9.91 0.67 -2.95
C TRP A 136 -10.62 0.20 -4.24
N VAL A 137 -10.22 0.78 -5.37
CA VAL A 137 -10.76 0.41 -6.65
C VAL A 137 -10.27 -0.95 -7.07
N THR A 138 -8.97 -1.22 -6.89
CA THR A 138 -8.44 -2.55 -7.24
C THR A 138 -9.27 -3.61 -6.49
N ILE A 139 -9.42 -3.47 -5.18
CA ILE A 139 -9.99 -4.51 -4.38
C ILE A 139 -11.51 -4.66 -4.67
N ASN A 140 -12.25 -3.55 -4.76
CA ASN A 140 -13.70 -3.65 -4.98
C ASN A 140 -14.03 -4.00 -6.45
N TYR A 141 -13.16 -3.65 -7.39
CA TYR A 141 -13.25 -4.21 -8.75
C TYR A 141 -13.13 -5.78 -8.71
N VAL A 142 -12.05 -6.28 -8.12
CA VAL A 142 -11.84 -7.73 -8.05
C VAL A 142 -13.07 -8.44 -7.42
N LEU A 143 -13.66 -7.87 -6.38
CA LEU A 143 -14.71 -8.54 -5.67
C LEU A 143 -16.07 -8.32 -6.30
N GLY A 144 -16.12 -7.50 -7.35
CA GLY A 144 -17.38 -7.25 -8.09
C GLY A 144 -18.37 -6.32 -7.42
N ASN A 145 -17.86 -5.30 -6.72
CA ASN A 145 -18.67 -4.44 -5.91
C ASN A 145 -18.93 -3.12 -6.56
N LEU A 146 -18.28 -2.81 -7.68
CA LEU A 146 -18.41 -1.51 -8.28
C LEU A 146 -19.82 -1.48 -8.86
N GLY A 147 -20.47 -0.35 -8.68
CA GLY A 147 -21.88 -0.18 -8.98
C GLY A 147 -22.87 -0.57 -7.85
N LYS A 148 -22.40 -1.19 -6.76
CA LYS A 148 -23.24 -1.45 -5.60
C LYS A 148 -23.29 -0.24 -4.68
N ARG A 149 -24.31 -0.21 -3.82
CA ARG A 149 -24.44 0.83 -2.81
C ARG A 149 -23.17 0.78 -1.90
N PHE A 150 -22.64 1.95 -1.47
CA PHE A 150 -21.37 1.99 -0.70
C PHE A 150 -21.29 0.98 0.42
N THR A 151 -22.46 0.66 0.98
CA THR A 151 -22.58 -0.20 2.17
C THR A 151 -22.18 -1.64 1.93
N ASN A 152 -22.06 -2.03 0.66
CA ASN A 152 -21.60 -3.38 0.31
C ASN A 152 -20.19 -3.42 -0.34
N THR A 153 -19.45 -2.31 -0.22
CA THR A 153 -18.06 -2.26 -0.62
C THR A 153 -17.15 -2.60 0.54
N VAL A 154 -15.86 -2.85 0.21
CA VAL A 154 -14.86 -3.36 1.18
C VAL A 154 -13.85 -2.21 1.37
N GLY A 155 -13.67 -1.77 2.60
CA GLY A 155 -12.67 -0.77 2.92
C GLY A 155 -11.26 -1.40 2.82
N VAL A 156 -10.26 -0.57 2.58
CA VAL A 156 -8.92 -1.03 2.49
C VAL A 156 -7.99 -0.23 3.39
N ILE A 157 -6.97 -0.93 3.89
CA ILE A 157 -5.91 -0.39 4.75
C ILE A 157 -4.60 -0.88 4.14
N ASP A 158 -3.64 0.00 3.94
CA ASP A 158 -2.38 -0.40 3.32
C ASP A 158 -1.18 0.00 4.14
N LEU A 159 -0.49 -0.95 4.78
CA LEU A 159 0.66 -0.60 5.60
C LEU A 159 1.93 -0.61 4.70
N GLY A 160 2.31 0.56 4.21
CA GLY A 160 3.46 0.74 3.31
C GLY A 160 4.74 0.88 4.17
N GLY A 161 5.84 1.29 3.57
CA GLY A 161 7.12 1.43 4.32
C GLY A 161 7.18 2.67 5.18
N GLY A 162 6.77 3.78 4.57
CA GLY A 162 6.63 5.05 5.21
C GLY A 162 5.31 5.51 5.77
N SER A 163 4.21 5.15 5.10
N SER A 163 4.20 5.14 5.11
CA SER A 163 2.89 5.56 5.49
CA SER A 163 2.90 5.57 5.50
C SER A 163 1.92 4.37 5.61
C SER A 163 1.90 4.40 5.58
N VAL A 164 0.80 4.62 6.28
CA VAL A 164 -0.33 3.74 6.26
C VAL A 164 -1.53 4.51 5.68
N GLN A 165 -2.32 3.85 4.81
CA GLN A 165 -3.53 4.43 4.24
C GLN A 165 -4.74 3.67 4.67
N MET A 166 -5.83 4.40 4.81
CA MET A 166 -7.12 3.85 5.08
C MET A 166 -8.03 4.54 4.01
N ALA A 167 -8.89 3.72 3.40
CA ALA A 167 -9.83 4.22 2.38
C ALA A 167 -11.09 3.38 2.44
N TYR A 168 -12.26 4.04 2.54
CA TYR A 168 -13.52 3.33 2.52
C TYR A 168 -14.64 4.31 2.15
N ALA A 169 -15.74 3.73 1.71
CA ALA A 169 -16.81 4.55 1.11
C ALA A 169 -17.77 4.92 2.23
N VAL A 170 -18.26 6.17 2.09
CA VAL A 170 -19.18 6.78 3.04
C VAL A 170 -20.39 7.37 2.31
N SER A 171 -21.41 7.70 3.12
CA SER A 171 -22.62 8.41 2.64
C SER A 171 -22.40 9.82 2.07
N LYS A 172 -23.37 10.26 1.24
CA LYS A 172 -23.30 11.60 0.67
C LYS A 172 -23.44 12.64 1.76
N LYS A 173 -24.01 12.27 2.93
CA LYS A 173 -24.13 13.23 4.02
C LYS A 173 -22.75 13.40 4.63
N THR A 174 -22.22 12.30 5.19
CA THR A 174 -20.89 12.23 5.79
C THR A 174 -19.93 13.01 4.94
N ALA A 175 -20.03 12.87 3.62
CA ALA A 175 -19.14 13.63 2.79
C ALA A 175 -19.37 15.16 2.95
N ASN A 177 -20.59 17.19 5.14
CA ASN A 177 -20.17 17.33 6.57
C ASN A 177 -18.71 16.96 6.93
N ALA A 178 -17.87 16.66 5.94
CA ALA A 178 -16.47 16.36 6.19
C ALA A 178 -15.67 17.64 6.44
N PRO A 179 -14.83 17.63 7.47
CA PRO A 179 -14.09 18.79 7.89
C PRO A 179 -13.13 19.29 6.84
N LYS A 180 -12.86 20.60 6.89
CA LYS A 180 -12.30 21.34 5.75
C LYS A 180 -10.79 21.17 5.53
N VAL A 181 -9.98 21.25 6.58
CA VAL A 181 -8.51 21.13 6.42
C VAL A 181 -7.94 22.14 5.39
N GLU A 185 -2.29 19.82 3.08
CA GLU A 185 -2.95 18.60 3.61
C GLU A 185 -3.92 17.93 2.61
N ASP A 186 -3.80 16.61 2.50
CA ASP A 186 -4.71 15.76 1.72
C ASP A 186 -6.14 15.94 2.20
N PRO A 187 -7.05 16.38 1.33
CA PRO A 187 -8.49 16.42 1.67
C PRO A 187 -9.00 15.05 2.08
N TYR A 188 -10.12 15.00 2.79
CA TYR A 188 -10.56 13.73 3.34
C TYR A 188 -11.47 12.88 2.45
N ILE A 189 -12.14 13.55 1.53
CA ILE A 189 -13.04 12.90 0.57
C ILE A 189 -12.51 13.03 -0.83
N LYS A 190 -12.52 11.91 -1.55
CA LYS A 190 -12.14 11.77 -2.94
C LYS A 190 -13.47 11.26 -3.59
N LYS A 191 -13.98 12.02 -4.57
CA LYS A 191 -15.24 11.71 -5.28
C LYS A 191 -14.81 10.93 -6.50
N ILE A 192 -15.40 9.76 -6.68
CA ILE A 192 -15.13 9.01 -7.87
C ILE A 192 -16.37 8.28 -8.33
N VAL A 193 -16.56 8.31 -9.64
CA VAL A 193 -17.68 7.62 -10.26
C VAL A 193 -17.17 6.35 -10.89
N LEU A 194 -17.73 5.20 -10.55
CA LEU A 194 -17.33 3.94 -11.13
C LEU A 194 -18.53 3.21 -11.63
N LYS A 195 -18.47 2.79 -12.90
CA LYS A 195 -19.64 2.18 -13.55
C LYS A 195 -20.83 3.12 -13.42
N GLY A 196 -20.57 4.41 -13.51
CA GLY A 196 -21.63 5.40 -13.53
C GLY A 196 -22.14 5.74 -12.14
N LYS A 197 -21.74 4.97 -11.11
CA LYS A 197 -22.14 5.29 -9.73
C LYS A 197 -21.15 6.23 -8.96
N PRO A 198 -21.63 7.39 -8.44
CA PRO A 198 -20.72 8.20 -7.66
C PRO A 198 -20.48 7.61 -6.29
N TYR A 199 -19.20 7.59 -5.91
CA TYR A 199 -18.83 7.24 -4.56
C TYR A 199 -18.12 8.45 -3.96
N ASP A 200 -18.33 8.55 -2.66
CA ASP A 200 -17.61 9.47 -1.81
C ASP A 200 -16.67 8.62 -0.96
N LEU A 201 -15.40 8.78 -1.19
CA LEU A 201 -14.47 7.85 -0.56
C LEU A 201 -13.70 8.60 0.53
N TYR A 202 -13.84 8.16 1.76
CA TYR A 202 -13.01 8.70 2.84
C TYR A 202 -11.57 8.15 2.61
N VAL A 203 -10.57 9.01 2.61
CA VAL A 203 -9.20 8.61 2.35
C VAL A 203 -8.31 9.38 3.31
N HIS A 204 -7.33 8.68 3.91
CA HIS A 204 -6.30 9.34 4.66
C HIS A 204 -5.00 8.53 4.65
N SER A 205 -3.89 9.26 4.52
CA SER A 205 -2.54 8.67 4.59
C SER A 205 -1.85 9.28 5.76
N TYR A 206 -1.27 8.39 6.60
CA TYR A 206 -0.61 8.79 7.80
C TYR A 206 0.86 8.65 7.57
N LEU A 207 1.52 9.78 7.44
CA LEU A 207 2.94 9.81 7.32
C LEU A 207 3.55 9.37 8.65
N HIS A 208 4.71 8.81 8.56
CA HIS A 208 5.45 8.27 9.75
C HIS A 208 4.93 6.94 10.32
N PHE A 209 3.91 6.35 9.73
CA PHE A 209 3.27 5.22 10.36
C PHE A 209 3.23 3.98 9.52
N GLY A 210 4.02 3.97 8.47
CA GLY A 210 4.31 2.80 7.74
C GLY A 210 5.19 1.86 8.57
N ARG A 211 5.41 0.68 8.04
CA ARG A 211 6.09 -0.38 8.82
C ARG A 211 7.50 0.03 9.27
N GLU A 212 8.31 0.50 8.35
CA GLU A 212 9.66 0.98 8.72
C GLU A 212 9.71 2.24 9.54
N ALA A 213 8.90 3.21 9.11
CA ALA A 213 8.86 4.50 9.76
C ALA A 213 8.32 4.37 11.22
N SER A 214 7.41 3.40 11.47
CA SER A 214 6.77 3.27 12.76
C SER A 214 7.84 2.91 13.80
N ARG A 215 8.81 2.14 13.40
CA ARG A 215 9.87 1.70 14.38
C ARG A 215 10.65 2.87 14.90
N ALA A 216 10.91 3.83 14.05
CA ALA A 216 11.53 5.05 14.47
C ALA A 216 10.62 5.87 15.41
N GLU A 217 9.29 6.00 15.12
CA GLU A 217 8.40 6.64 16.09
C GLU A 217 8.42 5.95 17.48
N ILE A 218 8.46 4.65 17.46
CA ILE A 218 8.43 3.88 18.69
C ILE A 218 9.73 4.04 19.52
N LEU A 219 10.87 3.93 18.86
CA LEU A 219 12.18 4.03 19.55
C LEU A 219 12.50 5.44 19.97
N LYS A 220 11.90 6.43 19.31
CA LYS A 220 12.03 7.79 19.82
C LYS A 220 11.46 8.01 21.21
N VAL A 221 10.42 7.27 21.59
CA VAL A 221 9.79 7.44 22.89
C VAL A 221 10.80 7.17 23.99
N THR A 222 11.69 6.22 23.76
CA THR A 222 12.68 5.87 24.83
C THR A 222 14.06 6.59 24.68
N HIS A 223 14.15 7.50 23.70
CA HIS A 223 15.33 8.35 23.42
C HIS A 223 16.69 7.56 23.47
N GLY A 224 17.59 7.82 24.41
CA GLY A 224 18.87 7.03 24.34
C GLY A 224 18.83 5.74 25.16
N SER A 225 17.69 5.39 25.69
CA SER A 225 17.63 4.29 26.64
C SER A 225 17.20 3.00 25.99
N ALA A 226 17.34 1.90 26.74
CA ALA A 226 16.86 0.63 26.28
C ALA A 226 15.37 0.69 26.08
N SER A 227 14.87 -0.11 25.13
CA SER A 227 13.47 -0.23 24.84
C SER A 227 13.00 -1.65 25.05
N PRO A 228 11.93 -1.82 25.85
CA PRO A 228 11.29 -3.12 25.98
C PRO A 228 10.51 -3.62 24.74
N CYS A 229 10.53 -2.84 23.64
CA CYS A 229 10.07 -3.29 22.35
C CYS A 229 11.11 -4.05 21.55
N ILE A 230 12.31 -4.24 22.09
CA ILE A 230 13.38 -4.91 21.36
C ILE A 230 13.68 -6.23 22.05
N LEU A 231 13.85 -7.29 21.29
CA LEU A 231 14.16 -8.61 21.87
C LEU A 231 15.54 -8.68 22.56
N ALA A 232 15.62 -9.56 23.56
CA ALA A 232 16.88 -9.87 24.27
C ALA A 232 17.86 -10.39 23.27
N GLY A 233 19.11 -10.00 23.45
CA GLY A 233 20.19 -10.37 22.58
C GLY A 233 20.45 -9.51 21.40
N PHE A 234 19.80 -8.35 21.32
CA PHE A 234 20.14 -7.35 20.33
C PHE A 234 20.49 -6.06 21.09
N ASP A 235 21.59 -5.43 20.66
CA ASP A 235 22.08 -4.20 21.26
C ASP A 235 22.68 -3.30 20.18
N GLY A 236 21.85 -2.65 19.37
CA GLY A 236 22.31 -2.00 18.20
C GLY A 236 21.56 -0.78 17.83
N ILE A 237 21.52 -0.52 16.55
CA ILE A 237 21.12 0.78 16.05
C ILE A 237 20.11 0.58 14.91
N TYR A 238 19.03 1.34 14.90
CA TYR A 238 18.05 1.29 13.82
C TYR A 238 18.22 2.59 13.07
N THR A 239 18.36 2.56 11.77
CA THR A 239 18.50 3.79 10.96
C THR A 239 17.27 3.97 10.08
N TYR A 240 16.66 5.14 10.14
CA TYR A 240 15.54 5.45 9.28
C TYR A 240 15.71 6.88 8.81
N SER A 241 15.67 7.06 7.50
CA SER A 241 15.76 8.40 6.87
C SER A 241 17.01 9.17 7.35
N GLY A 242 18.10 8.41 7.48
CA GLY A 242 19.42 8.90 7.88
C GLY A 242 19.57 9.24 9.34
N GLU A 243 18.53 8.98 10.16
CA GLU A 243 18.62 9.22 11.59
C GLU A 243 18.89 7.87 12.30
N GLU A 244 19.77 7.89 13.29
CA GLU A 244 20.05 6.72 14.10
C GLU A 244 19.23 6.68 15.35
N PHE A 245 18.75 5.48 15.69
CA PHE A 245 17.96 5.26 16.86
C PHE A 245 18.51 4.06 17.60
N LYS A 246 18.89 4.30 18.84
CA LYS A 246 19.42 3.23 19.65
C LYS A 246 18.33 2.19 19.83
N ALA A 247 18.68 0.92 19.64
CA ALA A 247 17.74 -0.22 19.73
C ALA A 247 18.39 -1.32 20.56
N SER A 248 18.14 -1.28 21.85
CA SER A 248 18.66 -2.29 22.70
C SER A 248 17.68 -2.68 23.74
N ALA A 249 17.69 -3.96 23.98
CA ALA A 249 16.82 -4.58 24.91
C ALA A 249 17.27 -4.21 26.29
N PRO A 250 16.34 -4.05 27.24
CA PRO A 250 16.66 -3.97 28.65
C PRO A 250 17.20 -5.36 29.08
N THR A 251 17.86 -5.45 30.22
CA THR A 251 18.48 -6.74 30.62
C THR A 251 17.50 -7.91 30.75
N SER A 252 16.27 -7.66 31.16
CA SER A 252 15.21 -8.66 31.14
C SER A 252 14.52 -8.93 29.77
N GLY A 253 15.01 -8.31 28.70
CA GLY A 253 14.45 -8.54 27.33
C GLY A 253 13.18 -7.77 27.00
N ALA A 254 12.46 -8.20 25.98
CA ALA A 254 11.24 -7.53 25.54
C ALA A 254 10.12 -7.77 26.57
N ASN A 255 9.13 -6.92 26.58
CA ASN A 255 8.02 -7.07 27.50
C ASN A 255 6.79 -6.58 26.82
N PHE A 256 5.78 -7.46 26.67
CA PHE A 256 4.61 -7.15 25.81
C PHE A 256 3.94 -5.92 26.38
N ASP A 257 3.79 -5.97 27.69
CA ASP A 257 3.11 -4.91 28.37
C ASP A 257 3.63 -3.51 28.30
N LYS A 258 4.89 -3.41 28.62
CA LYS A 258 5.60 -2.12 28.55
C LYS A 258 5.76 -1.67 27.12
N CYS A 259 5.97 -2.61 26.20
CA CYS A 259 6.18 -2.22 24.79
C CYS A 259 4.84 -1.65 24.27
N LYS A 260 3.76 -2.34 24.64
CA LYS A 260 2.38 -1.84 24.27
C LYS A 260 2.13 -0.40 24.75
N LYS A 261 2.53 -0.09 25.99
CA LYS A 261 2.37 1.28 26.46
C LYS A 261 3.15 2.34 25.63
N ILE A 262 4.40 2.00 25.33
CA ILE A 262 5.28 2.82 24.48
C ILE A 262 4.66 3.04 23.12
N ILE A 263 4.13 1.96 22.55
CA ILE A 263 3.45 2.04 21.25
C ILE A 263 2.22 2.96 21.26
N GLN A 264 1.39 2.81 22.30
CA GLN A 264 0.24 3.73 22.47
C GLN A 264 0.69 5.19 22.48
N LYS A 265 1.76 5.46 23.20
CA LYS A 265 2.37 6.77 23.20
C LYS A 265 2.80 7.19 21.79
N ALA A 266 3.50 6.31 21.07
CA ALA A 266 4.00 6.61 19.77
C ALA A 266 2.90 6.90 18.76
N LEU A 267 1.76 6.24 18.94
CA LEU A 267 0.60 6.50 18.03
C LEU A 267 -0.11 7.83 18.24
N LYS A 268 0.10 8.43 19.38
CA LYS A 268 -0.54 9.67 19.79
C LYS A 268 -2.06 9.49 19.82
N LEU A 269 -2.46 8.42 20.49
CA LEU A 269 -3.84 8.16 20.75
C LEU A 269 -4.51 9.26 21.53
N ASP A 270 -3.76 10.00 22.32
CA ASP A 270 -4.33 11.04 23.15
C ASP A 270 -4.30 12.41 22.47
N TYR A 271 -4.00 12.49 21.21
CA TYR A 271 -4.00 13.77 20.55
C TYR A 271 -5.42 14.33 20.46
N PRO A 272 -5.59 15.55 20.83
CA PRO A 272 -6.95 16.05 21.01
C PRO A 272 -7.70 16.03 19.69
N CYS A 273 -8.95 15.63 19.72
CA CYS A 273 -9.70 15.42 18.47
C CYS A 273 -10.55 16.67 18.06
N PRO A 274 -10.19 17.34 16.95
CA PRO A 274 -10.88 18.57 16.52
C PRO A 274 -12.17 18.34 15.79
N TYR A 275 -12.56 17.06 15.62
CA TYR A 275 -13.69 16.68 14.75
C TYR A 275 -14.57 15.81 15.62
N GLN A 276 -15.56 15.15 15.06
CA GLN A 276 -16.50 14.31 15.81
C GLN A 276 -15.84 13.09 16.39
N ASN A 277 -15.05 12.34 15.61
CA ASN A 277 -14.17 11.34 16.25
C ASN A 277 -12.92 11.14 15.45
N CYS A 278 -11.93 10.55 16.13
CA CYS A 278 -10.59 10.51 15.61
C CYS A 278 -10.00 9.11 15.79
N THR A 279 -9.04 8.80 14.92
CA THR A 279 -8.30 7.60 15.04
C THR A 279 -7.16 7.86 16.04
N PHE A 280 -6.16 8.59 15.59
CA PHE A 280 -5.04 9.03 16.42
C PHE A 280 -4.42 10.22 15.74
N GLY A 281 -3.64 11.02 16.47
CA GLY A 281 -2.99 12.20 15.89
C GLY A 281 -3.98 13.29 15.47
N GLY A 282 -5.20 13.25 15.96
CA GLY A 282 -6.21 14.29 15.63
C GLY A 282 -6.86 14.09 14.27
N ILE A 283 -6.66 12.91 13.69
CA ILE A 283 -7.21 12.64 12.37
C ILE A 283 -8.67 12.17 12.47
N TRP A 284 -9.54 12.80 11.67
CA TRP A 284 -10.93 12.43 11.59
C TRP A 284 -11.01 10.95 11.09
N ASN A 285 -11.80 10.12 11.73
CA ASN A 285 -11.87 8.71 11.37
C ASN A 285 -12.72 8.39 10.12
N GLY A 286 -13.38 9.44 9.59
CA GLY A 286 -14.38 9.33 8.51
C GLY A 286 -15.78 8.83 8.87
N GLY A 287 -15.99 8.47 10.12
CA GLY A 287 -17.33 8.17 10.62
C GLY A 287 -17.67 6.70 10.71
N GLY A 288 -16.85 5.84 10.12
CA GLY A 288 -17.06 4.41 10.26
C GLY A 288 -18.25 3.94 9.41
N GLY A 289 -18.96 2.95 9.92
CA GLY A 289 -20.15 2.47 9.27
C GLY A 289 -19.92 1.35 8.30
N SER A 290 -20.93 1.16 7.45
CA SER A 290 -21.05 -0.06 6.71
C SER A 290 -19.84 -0.27 5.79
N GLY A 291 -19.36 0.81 5.18
CA GLY A 291 -18.26 0.77 4.20
C GLY A 291 -16.97 0.27 4.80
N GLN A 292 -16.93 0.20 6.13
CA GLN A 292 -15.71 -0.16 6.80
C GLN A 292 -15.90 -1.46 7.52
N LYS A 293 -17.06 -2.09 7.36
CA LYS A 293 -17.35 -3.34 8.04
C LYS A 293 -16.60 -4.60 7.52
N LYS A 294 -16.40 -4.72 6.20
CA LYS A 294 -15.47 -5.73 5.70
C LYS A 294 -14.20 -5.02 5.26
N LEU A 295 -13.07 -5.61 5.53
CA LEU A 295 -11.80 -4.95 5.25
C LEU A 295 -10.75 -5.83 4.61
N PHE A 296 -9.98 -5.23 3.71
CA PHE A 296 -8.82 -5.88 3.12
C PHE A 296 -7.58 -5.03 3.52
N ALA A 297 -6.65 -5.67 4.22
CA ALA A 297 -5.43 -5.06 4.72
C ALA A 297 -4.25 -5.54 3.88
N ALA A 298 -3.57 -4.63 3.22
CA ALA A 298 -2.51 -4.96 2.28
C ALA A 298 -1.08 -4.69 2.75
N SER A 299 -0.14 -5.18 1.94
CA SER A 299 1.27 -4.97 2.06
C SER A 299 1.77 -5.54 3.37
N SER A 300 2.37 -4.70 4.22
CA SER A 300 2.92 -5.17 5.51
C SER A 300 1.91 -5.80 6.48
N PHE A 301 0.61 -5.52 6.34
CA PHE A 301 -0.35 -6.32 7.08
C PHE A 301 -0.36 -7.80 6.68
N PHE A 302 0.19 -8.12 5.53
CA PHE A 302 0.35 -9.53 5.15
C PHE A 302 1.75 -9.97 5.38
N TYR A 303 2.75 -9.14 5.01
CA TYR A 303 4.16 -9.58 5.14
C TYR A 303 4.50 -10.07 6.57
N LEU A 304 3.96 -9.41 7.57
CA LEU A 304 4.34 -9.73 8.92
C LEU A 304 3.82 -11.09 9.31
N PRO A 305 2.49 -11.31 9.23
CA PRO A 305 1.95 -12.68 9.42
C PRO A 305 2.71 -13.70 8.60
N GLN A 306 3.01 -13.38 7.34
CA GLN A 306 3.73 -14.33 6.50
C GLN A 306 5.08 -14.72 7.11
N ASP A 307 5.78 -13.73 7.67
CA ASP A 307 7.11 -13.94 8.17
C ASP A 307 7.18 -14.69 9.47
N VAL A 308 6.10 -14.66 10.24
CA VAL A 308 6.04 -15.35 11.55
C VAL A 308 5.13 -16.60 11.57
N GLY A 309 4.98 -17.19 10.41
CA GLY A 309 4.36 -18.51 10.23
C GLY A 309 2.86 -18.57 10.40
N MET A 310 2.16 -17.49 10.17
CA MET A 310 0.69 -17.46 10.26
C MET A 310 -0.06 -17.82 8.99
N VAL A 311 0.63 -17.91 7.85
CA VAL A 311 0.01 -18.08 6.54
C VAL A 311 0.40 -19.45 6.04
N ASP A 312 -0.61 -20.19 5.63
CA ASP A 312 -0.42 -21.43 4.91
C ASP A 312 0.58 -21.31 3.68
N PRO A 313 1.59 -22.20 3.60
CA PRO A 313 2.58 -22.19 2.49
C PRO A 313 2.00 -21.80 1.11
N ASN A 314 2.72 -20.98 0.37
CA ASN A 314 2.25 -20.58 -0.98
C ASN A 314 0.78 -20.05 -1.07
N LYS A 315 0.36 -19.35 -0.03
CA LYS A 315 -0.84 -18.55 -0.11
C LYS A 315 -0.38 -17.08 -0.08
N SER A 316 -1.16 -16.19 -0.71
CA SER A 316 -0.75 -14.77 -0.83
C SER A 316 -1.70 -13.82 -0.03
N ASN A 317 -2.62 -14.42 0.72
CA ASN A 317 -3.51 -13.68 1.65
C ASN A 317 -3.94 -14.68 2.73
N LEU A 318 -4.55 -14.19 3.80
CA LEU A 318 -5.12 -15.02 4.85
C LEU A 318 -6.22 -14.26 5.52
N LYS A 319 -7.03 -14.98 6.28
CA LYS A 319 -7.98 -14.36 7.15
C LYS A 319 -7.37 -14.30 8.54
N LEU A 320 -7.60 -13.20 9.24
CA LEU A 320 -7.09 -13.09 10.61
C LEU A 320 -7.98 -12.11 11.35
N ARG A 321 -7.93 -12.23 12.66
CA ARG A 321 -8.55 -11.28 13.55
C ARG A 321 -7.40 -10.47 14.21
N PRO A 322 -7.66 -9.22 14.60
CA PRO A 322 -6.47 -8.58 15.23
C PRO A 322 -5.95 -9.30 16.48
N VAL A 323 -6.82 -10.00 17.21
CA VAL A 323 -6.36 -10.73 18.40
C VAL A 323 -5.30 -11.73 18.04
N ASP A 324 -5.31 -12.25 16.80
CA ASP A 324 -4.26 -13.16 16.36
C ASP A 324 -2.84 -12.55 16.41
N LEU A 325 -2.74 -11.28 16.05
CA LEU A 325 -1.47 -10.58 16.23
C LEU A 325 -1.04 -10.38 17.69
N GLU A 326 -2.02 -10.01 18.53
CA GLU A 326 -1.74 -9.85 19.93
C GLU A 326 -1.28 -11.20 20.53
N ASN A 327 -2.02 -12.28 20.25
CA ASN A 327 -1.61 -13.60 20.76
C ASN A 327 -0.22 -14.04 20.31
N LYS A 328 0.11 -13.77 19.06
CA LYS A 328 1.42 -14.01 18.56
C LYS A 328 2.49 -13.23 19.33
N ALA A 329 2.23 -11.95 19.60
CA ALA A 329 3.22 -11.07 20.32
C ALA A 329 3.42 -11.55 21.73
N LYS A 330 2.33 -11.99 22.35
CA LYS A 330 2.48 -12.52 23.70
C LYS A 330 3.56 -13.62 23.85
N ILE A 331 3.75 -14.44 22.83
CA ILE A 331 4.80 -15.45 22.84
C ILE A 331 6.13 -14.89 22.38
N VAL A 332 6.11 -14.15 21.28
CA VAL A 332 7.32 -13.73 20.59
C VAL A 332 8.01 -12.73 21.51
N CYS A 333 7.22 -11.97 22.29
CA CYS A 333 7.80 -10.99 23.19
C CYS A 333 8.51 -11.64 24.36
N THR A 334 8.43 -12.95 24.51
CA THR A 334 9.27 -13.65 25.52
C THR A 334 10.54 -14.28 24.97
N LEU A 335 10.73 -14.24 23.65
CA LEU A 335 11.79 -14.89 23.03
C LEU A 335 12.99 -13.96 22.82
N ASN A 336 14.16 -14.55 22.67
CA ASN A 336 15.32 -13.77 22.20
C ASN A 336 15.59 -13.91 20.72
N VAL A 337 16.59 -13.18 20.28
CA VAL A 337 16.94 -13.07 18.88
C VAL A 337 17.32 -14.38 18.30
N GLU A 338 18.04 -15.20 19.07
CA GLU A 338 18.38 -16.51 18.55
C GLU A 338 17.18 -17.38 18.40
N ASP A 339 16.27 -17.34 19.35
CA ASP A 339 15.04 -18.09 19.24
C ASP A 339 14.23 -17.68 17.99
N VAL A 340 14.08 -16.40 17.83
CA VAL A 340 13.21 -15.87 16.72
C VAL A 340 13.83 -16.10 15.34
N LYS A 341 15.11 -15.84 15.25
CA LYS A 341 15.91 -16.17 14.06
C LYS A 341 15.69 -17.62 13.62
N SER A 342 15.81 -18.54 14.56
CA SER A 342 15.64 -19.94 14.23
C SER A 342 14.21 -20.29 13.90
N ALA A 343 13.23 -19.79 14.68
CA ALA A 343 11.81 -20.06 14.40
C ALA A 343 11.39 -19.45 13.04
N TYR A 344 11.89 -18.26 12.71
CA TYR A 344 11.28 -17.43 11.63
C TYR A 344 12.30 -16.87 10.67
N PRO A 345 12.79 -17.70 9.76
CA PRO A 345 13.93 -17.36 8.89
C PRO A 345 13.65 -16.19 7.99
N LEU A 346 12.39 -16.02 7.61
CA LEU A 346 12.03 -14.86 6.79
C LEU A 346 12.37 -13.57 7.46
N LEU A 347 12.22 -13.49 8.80
CA LEU A 347 12.56 -12.27 9.48
C LEU A 347 14.10 -12.07 9.40
N GLU A 348 14.83 -13.17 9.40
CA GLU A 348 16.28 -13.11 9.32
C GLU A 348 16.67 -12.65 7.93
N LYS A 349 16.00 -13.13 6.89
CA LYS A 349 16.19 -12.64 5.50
C LYS A 349 16.07 -11.12 5.35
N PHE A 350 15.10 -10.56 6.08
CA PHE A 350 14.81 -9.12 5.94
C PHE A 350 15.57 -8.27 6.97
N ASN A 351 16.45 -8.89 7.75
CA ASN A 351 17.25 -8.19 8.75
C ASN A 351 16.43 -7.52 9.91
N ILE A 352 15.29 -8.13 10.26
CA ILE A 352 14.34 -7.49 11.19
C ILE A 352 13.96 -8.34 12.36
N VAL A 353 14.80 -9.34 12.64
CA VAL A 353 14.55 -10.16 13.81
C VAL A 353 14.34 -9.40 15.12
N PRO A 354 15.23 -8.44 15.51
CA PRO A 354 15.09 -7.72 16.73
C PRO A 354 13.77 -7.02 16.98
N TYR A 355 13.11 -6.66 15.91
CA TYR A 355 11.84 -5.92 15.87
C TYR A 355 10.58 -6.82 15.84
N ALA A 356 10.73 -8.13 16.05
CA ALA A 356 9.58 -9.02 15.90
C ALA A 356 8.39 -8.71 16.78
N CYS A 357 8.68 -8.52 18.06
CA CYS A 357 7.71 -8.19 19.10
C CYS A 357 7.07 -6.79 18.84
N MET A 358 7.95 -5.83 18.52
CA MET A 358 7.51 -4.44 18.24
C MET A 358 6.50 -4.46 17.09
N ASP A 359 6.85 -5.16 16.01
CA ASP A 359 6.09 -5.06 14.72
C ASP A 359 4.66 -5.69 14.99
N LEU A 360 4.60 -6.74 15.81
CA LEU A 360 3.35 -7.42 16.08
C LEU A 360 2.42 -6.60 16.98
N ILE A 361 2.95 -6.02 18.06
CA ILE A 361 2.21 -5.10 18.92
C ILE A 361 1.80 -3.87 18.08
N TYR A 362 2.66 -3.41 17.18
CA TYR A 362 2.37 -2.19 16.46
C TYR A 362 1.10 -2.43 15.63
N GLN A 363 1.11 -3.51 14.86
CA GLN A 363 -0.03 -3.82 14.00
C GLN A 363 -1.35 -4.01 14.75
N TYR A 364 -1.27 -4.69 15.89
CA TYR A 364 -2.40 -4.88 16.79
C TYR A 364 -2.91 -3.56 17.27
N GLU A 365 -2.02 -2.70 17.78
CA GLU A 365 -2.41 -1.43 18.30
C GLU A 365 -2.94 -0.49 17.24
N LEU A 366 -2.32 -0.53 16.10
CA LEU A 366 -2.72 0.32 15.00
C LEU A 366 -4.15 -0.03 14.57
N LEU A 367 -4.41 -1.31 14.46
CA LEU A 367 -5.75 -1.76 14.01
C LEU A 367 -6.84 -1.50 15.01
N VAL A 368 -6.60 -1.87 16.24
CA VAL A 368 -7.59 -1.82 17.34
C VAL A 368 -7.69 -0.41 18.03
N ASP A 369 -6.67 -0.03 18.78
CA ASP A 369 -6.59 1.28 19.47
C ASP A 369 -6.56 2.45 18.47
N GLY A 370 -5.85 2.34 17.35
CA GLY A 370 -5.80 3.36 16.34
C GLY A 370 -6.97 3.47 15.41
N PHE A 371 -7.24 2.44 14.65
CA PHE A 371 -8.42 2.42 13.79
C PHE A 371 -9.79 1.92 14.40
N GLY A 372 -9.80 1.44 15.61
CA GLY A 372 -11.08 1.08 16.23
C GLY A 372 -11.74 -0.16 15.63
N LEU A 373 -10.97 -1.04 15.01
CA LEU A 373 -11.46 -2.38 14.66
C LEU A 373 -11.67 -3.22 15.94
N ASP A 374 -12.71 -4.05 15.89
CA ASP A 374 -12.90 -5.05 16.92
C ASP A 374 -11.81 -6.07 16.82
N PRO A 375 -11.26 -6.53 17.96
CA PRO A 375 -10.17 -7.43 17.88
C PRO A 375 -10.63 -8.85 17.54
N LEU A 376 -11.93 -9.10 17.52
CA LEU A 376 -12.47 -10.38 17.04
C LEU A 376 -13.04 -10.32 15.61
N GLN A 377 -12.99 -9.16 14.95
CA GLN A 377 -13.59 -9.05 13.63
C GLN A 377 -12.54 -9.61 12.65
N GLU A 378 -12.98 -10.50 11.76
N GLU A 378 -12.99 -10.48 11.75
CA GLU A 378 -12.12 -11.09 10.73
CA GLU A 378 -12.11 -11.09 10.77
C GLU A 378 -11.92 -10.05 9.66
C GLU A 378 -11.94 -10.13 9.62
N ILE A 379 -10.70 -9.98 9.17
CA ILE A 379 -10.40 -9.18 7.99
C ILE A 379 -9.55 -10.09 7.08
N THR A 380 -9.38 -9.69 5.82
CA THR A 380 -8.49 -10.37 4.91
C THR A 380 -7.18 -9.58 4.88
N ALA A 381 -6.03 -10.19 5.11
CA ALA A 381 -4.75 -9.49 4.87
C ALA A 381 -4.11 -10.17 3.67
N GLY A 382 -3.52 -9.43 2.74
CA GLY A 382 -2.86 -10.05 1.60
C GLY A 382 -1.99 -9.13 0.78
N GLU A 383 -1.05 -9.72 0.07
CA GLU A 383 -0.28 -9.07 -0.95
C GLU A 383 -0.95 -9.24 -2.29
N LYS A 384 -1.82 -10.27 -2.45
CA LYS A 384 -2.61 -10.53 -3.68
C LYS A 384 -4.00 -10.99 -3.32
N ILE A 385 -4.91 -10.79 -4.26
CA ILE A 385 -6.28 -11.13 -4.09
C ILE A 385 -6.67 -12.07 -5.25
N GLU A 386 -7.56 -13.03 -4.99
CA GLU A 386 -8.07 -13.91 -6.01
C GLU A 386 -8.98 -13.21 -7.01
N TYR A 387 -8.72 -13.45 -8.26
CA TYR A 387 -9.63 -13.07 -9.37
C TYR A 387 -9.66 -14.26 -10.37
N GLN A 388 -10.84 -14.89 -10.48
CA GLN A 388 -10.97 -16.17 -11.18
C GLN A 388 -10.00 -17.14 -10.58
N GLU A 389 -9.19 -17.80 -11.38
CA GLU A 389 -8.21 -18.71 -10.83
C GLU A 389 -6.91 -18.02 -10.52
N ALA A 390 -6.80 -16.72 -10.82
CA ALA A 390 -5.50 -16.07 -10.82
C ALA A 390 -5.36 -15.23 -9.56
N LEU A 391 -4.22 -14.58 -9.42
CA LEU A 391 -4.00 -13.64 -8.31
C LEU A 391 -3.64 -12.27 -8.87
N VAL A 392 -4.26 -11.26 -8.33
CA VAL A 392 -3.98 -9.85 -8.71
C VAL A 392 -3.22 -9.20 -7.57
N ASP A 393 -2.19 -8.39 -7.86
CA ASP A 393 -1.53 -7.56 -6.86
C ASP A 393 -2.52 -6.69 -6.06
N ALA A 394 -2.42 -6.73 -4.73
CA ALA A 394 -3.20 -5.85 -3.83
C ALA A 394 -2.48 -4.49 -3.74
N ALA A 395 -2.62 -3.69 -4.79
CA ALA A 395 -1.91 -2.47 -4.98
C ALA A 395 -2.69 -1.65 -5.99
N TRP A 396 -2.07 -0.57 -6.45
CA TRP A 396 -2.84 0.50 -7.16
C TRP A 396 -3.01 0.32 -8.64
N ALA A 397 -2.15 -0.51 -9.27
CA ALA A 397 -2.12 -0.57 -10.74
C ALA A 397 -3.45 -0.91 -11.41
N LEU A 398 -4.12 -1.97 -10.96
CA LEU A 398 -5.36 -2.36 -11.55
C LEU A 398 -6.45 -1.31 -11.39
N GLY A 399 -6.66 -0.76 -10.20
CA GLY A 399 -7.60 0.27 -10.01
C GLY A 399 -7.35 1.49 -10.85
N ASN A 400 -6.09 1.88 -11.00
CA ASN A 400 -5.70 2.93 -11.98
C ASN A 400 -6.13 2.62 -13.44
N ALA A 401 -5.73 1.44 -13.92
CA ALA A 401 -6.27 0.96 -15.26
C ALA A 401 -7.81 1.00 -15.40
N VAL A 402 -8.50 0.60 -14.35
CA VAL A 402 -10.00 0.52 -14.37
C VAL A 402 -10.57 1.90 -14.56
N GLU A 403 -9.93 2.88 -13.92
CA GLU A 403 -10.39 4.23 -13.94
C GLU A 403 -10.14 4.78 -15.30
N ALA A 404 -8.97 4.49 -15.86
CA ALA A 404 -8.64 4.96 -17.17
C ALA A 404 -9.60 4.45 -18.22
N VAL A 405 -9.91 3.18 -18.14
CA VAL A 405 -10.82 2.60 -19.10
C VAL A 405 -12.25 3.12 -18.98
N LEU A 406 -12.73 3.33 -17.75
CA LEU A 406 -14.05 3.87 -17.50
C LEU A 406 -14.25 5.27 -18.06
N LEU A 407 -13.14 5.98 -18.29
CA LEU A 407 -13.19 7.26 -19.02
C LEU A 407 -13.41 7.16 -20.50
N LEU A 408 -13.33 5.97 -21.09
CA LEU A 408 -13.48 5.88 -22.52
C LEU A 408 -14.95 5.92 -22.90
N PRO A 409 -15.23 6.59 -24.02
CA PRO A 409 -16.63 6.84 -24.30
C PRO A 409 -17.32 5.53 -24.56
N LYS A 410 -16.58 4.55 -25.06
CA LYS A 410 -17.10 3.23 -25.28
C LYS A 410 -17.64 2.59 -24.00
N PHE A 411 -16.93 2.78 -22.85
CA PHE A 411 -17.27 2.11 -21.56
C PHE A 411 -18.16 2.92 -20.58
N GLU A 412 -18.57 4.11 -21.03
CA GLU A 412 -19.45 5.03 -20.32
C GLU A 412 -20.89 4.87 -20.82
P PO4 B . 9.05 -0.71 -4.65
O1 PO4 B . 9.15 -1.53 -3.38
O2 PO4 B . 9.25 0.77 -4.40
O3 PO4 B . 10.15 -1.24 -5.55
O4 PO4 B . 7.63 -0.84 -5.17
P PO4 C . 5.03 4.35 1.49
O1 PO4 C . 5.37 2.97 0.95
O2 PO4 C . 3.87 4.24 2.40
O3 PO4 C . 6.25 4.88 2.17
O4 PO4 C . 4.68 5.30 0.36
#